data_1M4G
#
_entry.id   1M4G
#
_cell.length_a   48.700
_cell.length_b   86.400
_cell.length_c   98.400
_cell.angle_alpha   90.00
_cell.angle_beta   90.00
_cell.angle_gamma   90.00
#
_symmetry.space_group_name_H-M   'P 21 21 21'
#
loop_
_entity.id
_entity.type
_entity.pdbx_description
1 polymer "Aminoglycoside 2'-N-acetyltransferase"
2 non-polymer 'COENZYME A'
3 non-polymer RIBOSTAMYCIN
4 non-polymer "3'-PHOSPHATE-ADENOSINE-5'-DIPHOSPHATE"
5 water water
#
_entity_poly.entity_id   1
_entity_poly.type   'polypeptide(L)'
_entity_poly.pdbx_seq_one_letter_code
;MHTQVHTARLVHTADLDSETRQDIRQMVTGAFAGDFTETDWEHTLGGMHALIWHHGAIIAHAAVIQRRLIYRGNALRCGY
VEGVAVRADWRGQRLVSALLDAVEQVMRGAYQLGALSSSARARRLYASRGWLPWHGPTSVLAPTGPVRTPDDDGTVFVLP
IDISLDTSAELMCDWRAGDVW
;
_entity_poly.pdbx_strand_id   A,B
#
loop_
_chem_comp.id
_chem_comp.type
_chem_comp.name
_chem_comp.formula
COA non-polymer 'COENZYME A' 'C21 H36 N7 O16 P3 S'
PAP non-polymer 3'-PHOSPHATE-ADENOSINE-5'-DIPHOSPHATE 'C10 H16 N5 O13 P3'
RIO non-polymer RIBOSTAMYCIN 'C17 H34 N4 O10'
#
# COMPACT_ATOMS: atom_id res chain seq x y z
N MET A 1 0.07 -2.91 31.88
CA MET A 1 0.01 -3.54 30.53
C MET A 1 -0.17 -5.06 30.69
N HIS A 2 -1.28 -5.58 30.19
CA HIS A 2 -1.50 -7.02 30.29
C HIS A 2 -0.60 -7.78 29.29
N THR A 3 -0.67 -9.09 29.27
CA THR A 3 0.16 -9.88 28.41
C THR A 3 0.01 -9.74 26.88
N GLN A 4 -1.12 -9.15 26.42
CA GLN A 4 -1.42 -8.97 24.98
C GLN A 4 -1.74 -10.32 24.31
N VAL A 5 -2.11 -11.31 25.12
CA VAL A 5 -2.34 -12.64 24.51
C VAL A 5 -3.50 -12.58 23.50
N HIS A 6 -3.25 -13.14 22.31
CA HIS A 6 -4.18 -13.14 21.21
C HIS A 6 -4.65 -11.80 20.70
N THR A 7 -3.93 -10.74 21.06
CA THR A 7 -4.28 -9.44 20.48
C THR A 7 -3.49 -9.47 19.15
N ALA A 8 -4.09 -9.04 18.04
CA ALA A 8 -3.36 -9.10 16.78
C ALA A 8 -2.26 -8.05 16.78
N ARG A 9 -1.10 -8.40 16.24
CA ARG A 9 0.07 -7.48 16.20
C ARG A 9 0.23 -7.07 14.73
N LEU A 10 0.47 -5.80 14.45
CA LEU A 10 0.59 -5.34 13.05
C LEU A 10 2.04 -5.26 12.69
N VAL A 11 2.42 -5.95 11.61
CA VAL A 11 3.84 -5.99 11.16
C VAL A 11 3.89 -5.80 9.65
N HIS A 12 4.73 -4.85 9.20
CA HIS A 12 4.81 -4.65 7.77
C HIS A 12 5.51 -5.82 7.14
N THR A 13 5.19 -6.09 5.86
CA THR A 13 5.86 -7.19 5.16
C THR A 13 7.40 -7.08 5.28
N ALA A 14 7.95 -5.86 5.14
CA ALA A 14 9.39 -5.70 5.16
C ALA A 14 9.99 -6.13 6.51
N ASP A 15 9.17 -6.15 7.56
CA ASP A 15 9.68 -6.54 8.88
C ASP A 15 9.46 -8.02 9.27
N LEU A 16 8.99 -8.82 8.32
CA LEU A 16 8.79 -10.25 8.60
C LEU A 16 10.08 -11.01 8.36
N ASP A 17 10.55 -11.82 9.31
CA ASP A 17 11.75 -12.57 9.01
C ASP A 17 11.34 -13.79 8.15
N SER A 18 12.31 -14.50 7.55
CA SER A 18 11.91 -15.59 6.70
C SER A 18 11.11 -16.69 7.39
N GLU A 19 11.41 -16.97 8.67
CA GLU A 19 10.69 -18.04 9.33
C GLU A 19 9.21 -17.66 9.51
N THR A 20 8.96 -16.40 9.90
CA THR A 20 7.57 -15.98 10.10
C THR A 20 6.86 -15.93 8.75
N ARG A 21 7.53 -15.46 7.72
CA ARG A 21 6.96 -15.38 6.39
C ARG A 21 6.57 -16.78 5.93
N GLN A 22 7.42 -17.79 6.17
CA GLN A 22 7.11 -19.16 5.76
C GLN A 22 5.95 -19.71 6.54
N ASP A 23 5.95 -19.40 7.84
CA ASP A 23 4.86 -19.86 8.70
C ASP A 23 3.54 -19.24 8.22
N ILE A 24 3.52 -17.93 7.92
CA ILE A 24 2.24 -17.35 7.46
C ILE A 24 1.82 -18.01 6.18
N ARG A 25 2.74 -18.10 5.24
CA ARG A 25 2.36 -18.68 3.96
C ARG A 25 1.78 -20.09 4.11
N GLN A 26 2.47 -20.98 4.84
CA GLN A 26 1.91 -22.32 4.95
C GLN A 26 0.61 -22.37 5.74
N MET A 27 0.51 -21.56 6.78
CA MET A 27 -0.73 -21.57 7.54
C MET A 27 -1.90 -21.07 6.67
N VAL A 28 -1.71 -19.93 6.02
CA VAL A 28 -2.78 -19.39 5.18
C VAL A 28 -3.10 -20.38 4.02
N THR A 29 -2.07 -20.92 3.38
CA THR A 29 -2.35 -21.87 2.26
C THR A 29 -3.19 -23.03 2.80
N GLY A 30 -2.81 -23.60 3.95
CA GLY A 30 -3.62 -24.67 4.51
C GLY A 30 -5.01 -24.29 4.95
N ALA A 31 -5.19 -23.06 5.42
CA ALA A 31 -6.49 -22.63 5.85
C ALA A 31 -7.49 -22.54 4.70
N PHE A 32 -7.00 -22.34 3.48
CA PHE A 32 -7.85 -22.19 2.30
C PHE A 32 -8.01 -23.53 1.60
N ALA A 33 -7.71 -24.59 2.36
CA ALA A 33 -7.78 -25.95 1.85
C ALA A 33 -6.99 -26.05 0.54
N GLY A 34 -5.82 -25.43 0.57
CA GLY A 34 -4.93 -25.46 -0.60
C GLY A 34 -5.28 -24.60 -1.80
N ASP A 35 -6.47 -24.01 -1.82
CA ASP A 35 -6.88 -23.14 -2.92
C ASP A 35 -6.28 -21.73 -2.63
N PHE A 36 -4.99 -21.64 -2.75
CA PHE A 36 -4.33 -20.40 -2.42
C PHE A 36 -3.11 -20.44 -3.31
N THR A 37 -3.17 -19.72 -4.44
CA THR A 37 -2.10 -19.75 -5.45
C THR A 37 -0.89 -18.90 -5.14
N GLU A 38 0.13 -19.00 -6.01
CA GLU A 38 1.34 -18.18 -5.87
C GLU A 38 0.93 -16.69 -5.97
N THR A 39 -0.02 -16.41 -6.86
CA THR A 39 -0.45 -15.02 -7.02
C THR A 39 -1.26 -14.59 -5.80
N ASP A 40 -2.12 -15.46 -5.27
CA ASP A 40 -2.83 -15.09 -4.00
C ASP A 40 -1.81 -14.77 -2.91
N TRP A 41 -0.71 -15.52 -2.82
CA TRP A 41 0.28 -15.13 -1.81
C TRP A 41 0.91 -13.75 -2.11
N GLU A 42 1.25 -13.52 -3.38
CA GLU A 42 1.88 -12.22 -3.74
C GLU A 42 0.93 -11.11 -3.34
N HIS A 43 -0.38 -11.37 -3.45
CA HIS A 43 -1.39 -10.35 -3.08
C HIS A 43 -1.44 -10.01 -1.61
N THR A 44 -0.82 -10.80 -0.75
CA THR A 44 -0.84 -10.48 0.69
C THR A 44 0.35 -9.60 1.05
N LEU A 45 1.25 -9.39 0.10
CA LEU A 45 2.50 -8.66 0.39
C LEU A 45 2.50 -7.15 0.09
N GLY A 46 3.23 -6.40 0.95
CA GLY A 46 3.44 -4.97 0.71
C GLY A 46 2.79 -4.02 1.68
N GLY A 47 2.03 -4.56 2.60
CA GLY A 47 1.31 -3.73 3.53
C GLY A 47 1.50 -4.26 4.97
N MET A 48 0.43 -4.17 5.77
CA MET A 48 0.52 -4.56 7.16
C MET A 48 -0.15 -5.90 7.41
N HIS A 49 0.58 -6.80 8.04
CA HIS A 49 0.02 -8.12 8.39
C HIS A 49 -0.45 -8.08 9.84
N ALA A 50 -1.71 -8.47 10.08
CA ALA A 50 -2.18 -8.54 11.47
C ALA A 50 -1.92 -10.01 11.80
N LEU A 51 -1.14 -10.23 12.85
CA LEU A 51 -0.74 -11.59 13.24
C LEU A 51 -1.18 -11.94 14.64
N ILE A 52 -1.68 -13.16 14.85
CA ILE A 52 -1.96 -13.61 16.19
C ILE A 52 -1.04 -14.81 16.47
N TRP A 53 -0.31 -14.72 17.56
CA TRP A 53 0.66 -15.75 17.93
C TRP A 53 0.16 -16.67 19.05
N HIS A 54 0.57 -17.95 19.02
CA HIS A 54 0.29 -18.84 20.15
C HIS A 54 1.49 -19.82 20.12
N HIS A 55 2.25 -19.85 21.21
CA HIS A 55 3.43 -20.75 21.33
C HIS A 55 4.42 -20.61 20.18
N GLY A 56 4.64 -19.37 19.73
CA GLY A 56 5.58 -19.15 18.66
C GLY A 56 5.08 -19.47 17.25
N ALA A 57 3.81 -19.86 17.10
CA ALA A 57 3.26 -20.16 15.76
C ALA A 57 2.21 -19.12 15.41
N ILE A 58 2.03 -18.86 14.12
CA ILE A 58 1.01 -17.90 13.70
C ILE A 58 -0.32 -18.70 13.61
N ILE A 59 -1.27 -18.36 14.46
CA ILE A 59 -2.56 -19.05 14.39
C ILE A 59 -3.67 -18.21 13.71
N ALA A 60 -3.40 -16.94 13.33
CA ALA A 60 -4.43 -16.18 12.61
C ALA A 60 -3.65 -15.09 11.88
N HIS A 61 -4.15 -14.70 10.70
CA HIS A 61 -3.49 -13.71 9.84
C HIS A 61 -4.53 -12.95 9.01
N ALA A 62 -4.26 -11.68 8.74
CA ALA A 62 -5.03 -10.91 7.75
C ALA A 62 -4.04 -9.84 7.29
N ALA A 63 -3.92 -9.57 6.01
CA ALA A 63 -3.03 -8.51 5.54
C ALA A 63 -3.88 -7.39 4.98
N VAL A 64 -3.44 -6.15 5.22
CA VAL A 64 -4.13 -5.00 4.61
C VAL A 64 -3.12 -4.40 3.64
N ILE A 65 -3.40 -4.42 2.32
CA ILE A 65 -2.45 -3.87 1.36
C ILE A 65 -3.10 -2.65 0.72
N GLN A 66 -2.29 -1.73 0.24
CA GLN A 66 -2.90 -0.53 -0.33
C GLN A 66 -3.13 -0.66 -1.85
N ARG A 67 -4.29 -0.25 -2.36
CA ARG A 67 -4.51 -0.19 -3.79
C ARG A 67 -5.53 0.97 -4.02
N ARG A 68 -5.97 1.14 -5.27
CA ARG A 68 -6.99 2.16 -5.59
C ARG A 68 -8.24 1.44 -6.11
N LEU A 69 -9.44 1.92 -5.72
CA LEU A 69 -10.67 1.39 -6.29
C LEU A 69 -11.26 2.66 -6.90
N ILE A 70 -11.68 2.58 -8.16
CA ILE A 70 -12.26 3.72 -8.91
C ILE A 70 -13.79 3.73 -8.82
N TYR A 71 -14.28 4.81 -8.26
CA TYR A 71 -15.71 4.99 -8.01
C TYR A 71 -16.07 6.34 -8.61
N ARG A 72 -17.00 6.35 -9.55
CA ARG A 72 -17.41 7.60 -10.21
C ARG A 72 -16.21 8.42 -10.69
N GLY A 73 -15.27 7.73 -11.30
CA GLY A 73 -14.08 8.37 -11.84
C GLY A 73 -13.02 8.76 -10.80
N ASN A 74 -13.33 8.58 -9.51
CA ASN A 74 -12.44 8.94 -8.39
C ASN A 74 -11.59 7.76 -7.95
N ALA A 75 -10.29 7.96 -7.71
CA ALA A 75 -9.41 6.85 -7.31
C ALA A 75 -9.36 6.86 -5.78
N LEU A 76 -10.20 6.05 -5.15
CA LEU A 76 -10.26 5.96 -3.70
C LEU A 76 -9.06 5.23 -3.11
N ARG A 77 -8.49 5.74 -2.03
CA ARG A 77 -7.31 5.14 -1.37
C ARG A 77 -7.86 3.96 -0.49
N CYS A 78 -7.59 2.74 -0.95
CA CYS A 78 -8.21 1.58 -0.32
C CYS A 78 -7.26 0.63 0.40
N GLY A 79 -7.67 0.20 1.60
CA GLY A 79 -6.97 -0.80 2.38
C GLY A 79 -7.70 -2.08 1.93
N TYR A 80 -7.01 -2.99 1.25
CA TYR A 80 -7.63 -4.19 0.71
C TYR A 80 -7.21 -5.38 1.59
N VAL A 81 -8.18 -6.18 2.04
CA VAL A 81 -7.87 -7.25 3.03
C VAL A 81 -7.66 -8.58 2.36
N GLU A 82 -6.47 -9.13 2.54
CA GLU A 82 -6.11 -10.37 1.88
C GLU A 82 -5.66 -11.45 2.84
N GLY A 83 -5.97 -12.68 2.45
CA GLY A 83 -5.47 -13.79 3.24
C GLY A 83 -6.02 -13.93 4.66
N VAL A 84 -7.27 -13.55 4.91
CA VAL A 84 -7.86 -13.70 6.23
C VAL A 84 -7.97 -15.18 6.52
N ALA A 85 -7.32 -15.61 7.62
CA ALA A 85 -7.30 -17.06 7.95
C ALA A 85 -7.06 -17.28 9.44
N VAL A 86 -7.78 -18.28 10.03
CA VAL A 86 -7.54 -18.65 11.44
C VAL A 86 -7.23 -20.16 11.27
N ARG A 87 -6.10 -20.62 11.83
CA ARG A 87 -5.66 -22.00 11.65
C ARG A 87 -6.81 -22.88 12.16
N ALA A 88 -7.03 -24.02 11.51
CA ALA A 88 -8.23 -24.82 11.82
C ALA A 88 -8.49 -25.28 13.24
N ASP A 89 -7.43 -25.59 13.99
CA ASP A 89 -7.54 -26.02 15.36
C ASP A 89 -7.96 -24.90 16.31
N TRP A 90 -7.86 -23.65 15.82
CA TRP A 90 -8.20 -22.49 16.65
C TRP A 90 -9.48 -21.80 16.16
N ARG A 91 -10.22 -22.45 15.26
CA ARG A 91 -11.48 -21.83 14.74
C ARG A 91 -12.65 -21.91 15.72
N GLY A 92 -13.63 -21.02 15.56
CA GLY A 92 -14.76 -21.02 16.49
C GLY A 92 -14.60 -20.30 17.79
N GLN A 93 -13.53 -19.53 17.96
CA GLN A 93 -13.32 -18.79 19.20
C GLN A 93 -13.29 -17.32 18.91
N ARG A 94 -13.81 -16.91 17.76
CA ARG A 94 -13.84 -15.50 17.39
C ARG A 94 -12.48 -14.81 17.27
N LEU A 95 -11.42 -15.60 17.01
CA LEU A 95 -10.13 -14.94 16.76
C LEU A 95 -10.25 -14.05 15.51
N VAL A 96 -11.09 -14.41 14.53
CA VAL A 96 -11.17 -13.49 13.35
C VAL A 96 -11.62 -12.09 13.82
N SER A 97 -12.35 -12.02 14.94
CA SER A 97 -12.79 -10.71 15.47
C SER A 97 -11.58 -9.88 15.94
N ALA A 98 -10.61 -10.54 16.56
CA ALA A 98 -9.35 -9.89 16.99
C ALA A 98 -8.58 -9.44 15.74
N LEU A 99 -8.51 -10.28 14.71
CA LEU A 99 -7.83 -9.86 13.46
C LEU A 99 -8.53 -8.62 12.88
N LEU A 100 -9.85 -8.66 12.82
CA LEU A 100 -10.54 -7.52 12.22
C LEU A 100 -10.49 -6.25 13.05
N ASP A 101 -10.36 -6.35 14.37
CA ASP A 101 -10.19 -5.13 15.17
C ASP A 101 -8.92 -4.44 14.65
N ALA A 102 -7.87 -5.21 14.40
CA ALA A 102 -6.61 -4.57 13.95
C ALA A 102 -6.75 -4.05 12.53
N VAL A 103 -7.36 -4.85 11.65
CA VAL A 103 -7.59 -4.45 10.28
C VAL A 103 -8.41 -3.16 10.20
N GLU A 104 -9.50 -3.12 10.96
CA GLU A 104 -10.37 -1.94 10.93
C GLU A 104 -9.68 -0.71 11.49
N GLN A 105 -8.82 -0.92 12.46
CA GLN A 105 -8.04 0.18 13.03
C GLN A 105 -7.11 0.77 11.96
N VAL A 106 -6.52 -0.12 11.15
CA VAL A 106 -5.63 0.32 10.08
C VAL A 106 -6.45 1.15 9.06
N MET A 107 -7.67 0.68 8.72
CA MET A 107 -8.50 1.43 7.78
C MET A 107 -8.80 2.84 8.31
N ARG A 108 -9.26 2.93 9.54
CA ARG A 108 -9.63 4.26 10.04
C ARG A 108 -8.42 5.20 10.12
N GLY A 109 -7.23 4.66 10.33
CA GLY A 109 -6.09 5.55 10.49
C GLY A 109 -5.39 5.89 9.16
N ALA A 110 -5.66 5.13 8.11
CA ALA A 110 -4.89 5.32 6.87
C ALA A 110 -5.57 5.33 5.55
N TYR A 111 -6.83 4.86 5.46
CA TYR A 111 -7.50 4.75 4.14
C TYR A 111 -8.84 5.41 4.07
N GLN A 112 -9.34 5.60 2.84
CA GLN A 112 -10.68 6.16 2.64
C GLN A 112 -11.71 5.06 2.83
N LEU A 113 -11.30 3.82 2.57
CA LEU A 113 -12.22 2.71 2.82
C LEU A 113 -11.42 1.41 2.87
N GLY A 114 -11.96 0.44 3.61
CA GLY A 114 -11.42 -0.91 3.54
C GLY A 114 -12.31 -1.64 2.47
N ALA A 115 -11.76 -2.68 1.83
CA ALA A 115 -12.56 -3.52 0.91
C ALA A 115 -11.94 -4.91 0.90
N LEU A 116 -12.69 -5.88 0.40
CA LEU A 116 -12.22 -7.23 0.35
C LEU A 116 -13.22 -8.02 -0.49
N SER A 117 -12.79 -9.20 -0.95
CA SER A 117 -13.72 -10.01 -1.74
C SER A 117 -13.78 -11.31 -0.93
N SER A 118 -14.91 -11.46 -0.26
CA SER A 118 -15.18 -12.50 0.68
C SER A 118 -15.57 -13.88 0.20
N SER A 119 -15.01 -14.88 0.87
CA SER A 119 -15.44 -16.24 0.60
C SER A 119 -16.91 -16.27 1.10
N ALA A 120 -17.73 -17.16 0.56
CA ALA A 120 -19.14 -17.17 0.99
C ALA A 120 -19.37 -17.38 2.49
N ARG A 121 -18.58 -18.24 3.10
CA ARG A 121 -18.76 -18.55 4.51
C ARG A 121 -18.48 -17.37 5.41
N ALA A 122 -17.68 -16.40 4.94
CA ALA A 122 -17.36 -15.25 5.80
C ALA A 122 -18.22 -14.00 5.53
N ARG A 123 -19.03 -14.03 4.46
CA ARG A 123 -19.88 -12.86 4.16
C ARG A 123 -20.71 -12.42 5.39
N ARG A 124 -21.31 -13.35 6.14
CA ARG A 124 -22.04 -12.90 7.32
C ARG A 124 -21.19 -12.32 8.45
N LEU A 125 -19.93 -12.76 8.59
CA LEU A 125 -19.06 -12.24 9.64
C LEU A 125 -18.79 -10.77 9.33
N TYR A 126 -18.46 -10.44 8.09
CA TYR A 126 -18.15 -9.04 7.77
C TYR A 126 -19.41 -8.17 7.91
N ALA A 127 -20.53 -8.66 7.39
CA ALA A 127 -21.78 -7.88 7.46
C ALA A 127 -22.13 -7.54 8.91
N SER A 128 -21.92 -8.48 9.83
CA SER A 128 -22.26 -8.23 11.23
C SER A 128 -21.39 -7.13 11.87
N ARG A 129 -20.20 -6.90 11.32
CA ARG A 129 -19.34 -5.86 11.86
C ARG A 129 -19.55 -4.53 11.25
N GLY A 130 -20.49 -4.47 10.31
CA GLY A 130 -20.73 -3.17 9.72
C GLY A 130 -20.17 -3.02 8.32
N TRP A 131 -19.48 -4.03 7.81
CA TRP A 131 -18.99 -3.91 6.44
C TRP A 131 -20.23 -4.00 5.54
N LEU A 132 -20.24 -3.19 4.50
CA LEU A 132 -21.39 -3.13 3.61
C LEU A 132 -21.17 -3.97 2.33
N PRO A 133 -22.16 -4.79 1.96
CA PRO A 133 -22.04 -5.58 0.73
C PRO A 133 -22.13 -4.66 -0.49
N TRP A 134 -21.23 -4.83 -1.45
CA TRP A 134 -21.27 -3.98 -2.65
C TRP A 134 -22.27 -4.63 -3.61
N HIS A 135 -23.36 -3.91 -3.85
CA HIS A 135 -24.41 -4.45 -4.72
C HIS A 135 -24.25 -4.17 -6.19
N GLY A 136 -23.52 -3.10 -6.51
CA GLY A 136 -23.34 -2.77 -7.92
C GLY A 136 -22.38 -3.70 -8.68
N PRO A 137 -22.31 -3.51 -10.00
CA PRO A 137 -21.44 -4.32 -10.86
C PRO A 137 -19.99 -4.02 -10.60
N THR A 138 -19.18 -5.07 -10.56
CA THR A 138 -17.76 -4.85 -10.35
C THR A 138 -17.02 -4.97 -11.69
N SER A 139 -15.88 -4.30 -11.79
CA SER A 139 -15.06 -4.38 -12.99
C SER A 139 -13.59 -4.12 -12.50
N VAL A 140 -12.66 -4.26 -13.43
CA VAL A 140 -11.24 -3.96 -13.20
C VAL A 140 -10.74 -3.07 -14.36
N LEU A 141 -9.85 -2.15 -14.03
CA LEU A 141 -9.23 -1.26 -15.05
C LEU A 141 -8.01 -2.03 -15.56
N ALA A 142 -8.27 -2.95 -16.51
CA ALA A 142 -7.17 -3.74 -17.07
C ALA A 142 -6.35 -2.86 -18.05
N PRO A 143 -5.18 -3.34 -18.50
CA PRO A 143 -4.34 -2.56 -19.42
C PRO A 143 -5.06 -2.19 -20.72
N THR A 144 -6.09 -2.93 -21.09
CA THR A 144 -6.85 -2.58 -22.27
C THR A 144 -8.01 -1.63 -21.96
N GLY A 145 -8.23 -1.33 -20.69
CA GLY A 145 -9.34 -0.46 -20.34
C GLY A 145 -10.29 -1.24 -19.41
N PRO A 146 -11.36 -0.61 -18.96
CA PRO A 146 -12.34 -1.24 -18.08
C PRO A 146 -12.90 -2.53 -18.60
N VAL A 147 -12.99 -3.52 -17.73
CA VAL A 147 -13.63 -4.75 -18.13
C VAL A 147 -14.37 -5.31 -16.91
N ARG A 148 -15.61 -5.77 -17.15
CA ARG A 148 -16.44 -6.34 -16.08
C ARG A 148 -15.88 -7.63 -15.51
N THR A 149 -16.11 -7.84 -14.21
CA THR A 149 -15.65 -9.03 -13.47
C THR A 149 -16.90 -9.65 -12.85
N PRO A 150 -17.82 -10.15 -13.70
CA PRO A 150 -19.05 -10.73 -13.14
C PRO A 150 -18.85 -11.88 -12.14
N ASP A 151 -17.79 -12.68 -12.31
CA ASP A 151 -17.60 -13.76 -11.36
C ASP A 151 -17.45 -13.22 -9.91
N ASP A 152 -17.00 -11.97 -9.77
CA ASP A 152 -16.77 -11.41 -8.45
C ASP A 152 -17.92 -10.61 -7.92
N ASP A 153 -18.97 -10.46 -8.73
CA ASP A 153 -20.17 -9.75 -8.23
C ASP A 153 -20.75 -10.49 -7.04
N GLY A 154 -21.28 -9.72 -6.08
CA GLY A 154 -21.80 -10.33 -4.87
C GLY A 154 -20.78 -10.79 -3.84
N THR A 155 -19.47 -10.57 -4.04
CA THR A 155 -18.48 -11.03 -3.07
C THR A 155 -17.78 -9.88 -2.37
N VAL A 156 -17.86 -8.69 -2.97
CA VAL A 156 -17.12 -7.56 -2.38
C VAL A 156 -17.84 -6.85 -1.24
N PHE A 157 -17.06 -6.47 -0.23
CA PHE A 157 -17.59 -5.77 0.93
C PHE A 157 -16.68 -4.57 1.12
N VAL A 158 -17.28 -3.47 1.58
CA VAL A 158 -16.48 -2.28 1.82
C VAL A 158 -16.76 -1.72 3.23
N LEU A 159 -15.80 -0.95 3.72
CA LEU A 159 -15.90 -0.31 5.02
C LEU A 159 -15.47 1.16 4.79
N PRO A 160 -16.44 2.04 4.45
CA PRO A 160 -16.11 3.46 4.20
C PRO A 160 -15.69 4.15 5.49
N ILE A 161 -14.67 5.02 5.40
CA ILE A 161 -14.17 5.72 6.55
C ILE A 161 -14.56 7.17 6.33
N ASP A 162 -15.58 7.64 7.01
CA ASP A 162 -15.92 9.05 6.72
C ASP A 162 -16.06 9.50 5.21
N ILE A 163 -16.43 8.62 4.27
CA ILE A 163 -16.75 9.05 2.85
C ILE A 163 -18.11 8.36 2.65
N SER A 164 -18.96 8.87 1.76
CA SER A 164 -20.29 8.24 1.55
C SER A 164 -20.27 7.61 0.17
N LEU A 165 -20.47 6.30 0.10
CA LEU A 165 -20.51 5.65 -1.19
C LEU A 165 -21.86 5.05 -1.50
N ASP A 166 -22.30 5.24 -2.75
CA ASP A 166 -23.54 4.60 -3.23
C ASP A 166 -23.08 3.20 -3.60
N THR A 167 -23.38 2.24 -2.74
CA THR A 167 -22.97 0.84 -2.94
C THR A 167 -23.72 0.08 -4.04
N SER A 168 -24.59 0.80 -4.76
CA SER A 168 -25.28 0.21 -5.93
C SER A 168 -24.55 0.67 -7.22
N ALA A 169 -23.58 1.57 -7.11
CA ALA A 169 -22.89 2.06 -8.30
C ALA A 169 -21.84 1.05 -8.81
N GLU A 170 -21.29 1.32 -9.99
CA GLU A 170 -20.18 0.49 -10.47
C GLU A 170 -18.95 0.74 -9.57
N LEU A 171 -18.12 -0.29 -9.35
CA LEU A 171 -16.87 -0.14 -8.57
C LEU A 171 -15.83 -0.88 -9.39
N MET A 172 -14.73 -0.19 -9.69
CA MET A 172 -13.68 -0.80 -10.57
C MET A 172 -12.34 -0.88 -9.85
N CYS A 173 -11.82 -2.09 -9.64
CA CYS A 173 -10.51 -2.16 -8.93
C CYS A 173 -9.38 -1.95 -9.94
N ASP A 174 -8.19 -1.64 -9.41
CA ASP A 174 -7.01 -1.48 -10.26
C ASP A 174 -6.45 -2.85 -10.62
N TRP A 175 -5.51 -2.87 -11.55
CA TRP A 175 -5.02 -4.12 -12.09
C TRP A 175 -3.93 -4.81 -11.35
N ARG A 176 -3.93 -6.14 -11.44
CA ARG A 176 -2.84 -6.95 -10.90
C ARG A 176 -3.00 -8.32 -11.53
N ALA A 177 -1.98 -9.14 -11.39
CA ALA A 177 -2.06 -10.53 -11.89
C ALA A 177 -3.00 -11.39 -11.06
N GLY A 178 -3.41 -12.55 -11.58
CA GLY A 178 -4.29 -13.44 -10.82
C GLY A 178 -5.69 -12.86 -10.63
N ASP A 179 -6.33 -13.16 -9.50
CA ASP A 179 -7.68 -12.64 -9.22
C ASP A 179 -7.51 -11.16 -8.92
N VAL A 180 -8.23 -10.32 -9.67
CA VAL A 180 -8.08 -8.88 -9.49
C VAL A 180 -8.81 -8.44 -8.23
N TRP A 181 -9.90 -9.15 -7.87
CA TRP A 181 -10.60 -8.90 -6.60
C TRP A 181 -10.18 -10.01 -5.64
N HIS B 6 20.55 10.45 14.65
CA HIS B 6 19.92 10.59 13.32
C HIS B 6 19.86 9.35 12.45
N THR B 7 18.92 8.51 12.82
CA THR B 7 18.64 7.32 12.08
C THR B 7 17.13 7.60 11.96
N ALA B 8 16.50 7.17 10.89
CA ALA B 8 15.09 7.45 10.76
C ALA B 8 14.31 6.34 11.45
N ARG B 9 13.11 6.66 11.89
CA ARG B 9 12.21 5.68 12.50
C ARG B 9 11.09 5.46 11.46
N LEU B 10 10.62 4.22 11.29
CA LEU B 10 9.52 3.95 10.34
C LEU B 10 8.19 3.79 11.05
N VAL B 11 7.17 4.54 10.64
CA VAL B 11 5.85 4.49 11.26
C VAL B 11 4.81 4.44 10.17
N HIS B 12 3.90 3.47 10.25
CA HIS B 12 2.83 3.41 9.25
C HIS B 12 1.82 4.56 9.46
N THR B 13 1.19 4.99 8.37
CA THR B 13 0.23 6.09 8.44
C THR B 13 -0.79 5.86 9.56
N ALA B 14 -1.27 4.63 9.70
CA ALA B 14 -2.32 4.38 10.70
C ALA B 14 -1.85 4.53 12.17
N ASP B 15 -0.54 4.56 12.37
CA ASP B 15 0.02 4.71 13.70
C ASP B 15 0.38 6.17 14.06
N LEU B 16 0.13 7.10 13.14
CA LEU B 16 0.38 8.51 13.43
C LEU B 16 -0.80 9.17 14.17
N ASP B 17 -0.55 9.86 15.28
CA ASP B 17 -1.68 10.54 15.91
C ASP B 17 -1.92 11.83 15.12
N SER B 18 -3.05 12.47 15.39
CA SER B 18 -3.44 13.67 14.67
C SER B 18 -2.43 14.79 14.73
N GLU B 19 -1.76 14.90 15.87
CA GLU B 19 -0.75 15.95 16.07
C GLU B 19 0.45 15.70 15.17
N THR B 20 0.93 14.46 15.16
CA THR B 20 2.09 14.11 14.38
C THR B 20 1.78 14.19 12.90
N ARG B 21 0.60 13.75 12.52
CA ARG B 21 0.25 13.78 11.12
C ARG B 21 0.24 15.23 10.65
N GLN B 22 -0.22 16.15 11.51
CA GLN B 22 -0.27 17.56 11.14
C GLN B 22 1.13 18.17 11.07
N ASP B 23 2.03 17.77 11.97
CA ASP B 23 3.42 18.27 12.01
C ASP B 23 4.10 17.85 10.71
N ILE B 24 3.83 16.61 10.32
CA ILE B 24 4.43 16.08 9.08
C ILE B 24 3.93 16.85 7.89
N ARG B 25 2.62 17.05 7.77
CA ARG B 25 2.14 17.73 6.61
C ARG B 25 2.69 19.16 6.56
N GLN B 26 2.72 19.83 7.71
CA GLN B 26 3.19 21.22 7.69
C GLN B 26 4.67 21.31 7.39
N MET B 27 5.44 20.38 7.92
CA MET B 27 6.89 20.44 7.67
C MET B 27 7.13 20.21 6.17
N VAL B 28 6.50 19.16 5.63
CA VAL B 28 6.72 18.87 4.21
C VAL B 28 6.26 20.00 3.32
N THR B 29 5.09 20.59 3.60
CA THR B 29 4.61 21.70 2.78
C THR B 29 5.60 22.85 2.81
N GLY B 30 6.13 23.15 3.98
CA GLY B 30 7.14 24.22 4.10
C GLY B 30 8.44 23.92 3.36
N ALA B 31 8.86 22.67 3.45
CA ALA B 31 10.06 22.22 2.74
C ALA B 31 9.94 22.39 1.22
N PHE B 32 8.75 22.19 0.65
CA PHE B 32 8.52 22.38 -0.78
C PHE B 32 8.15 23.81 -1.11
N ALA B 33 8.34 24.69 -0.12
CA ALA B 33 8.03 26.12 -0.27
C ALA B 33 6.64 26.36 -0.74
N GLY B 34 5.69 25.57 -0.24
CA GLY B 34 4.30 25.72 -0.61
C GLY B 34 3.85 24.96 -1.86
N ASP B 35 4.80 24.36 -2.61
CA ASP B 35 4.46 23.65 -3.84
C ASP B 35 4.11 22.24 -3.39
N PHE B 36 2.99 22.10 -2.71
CA PHE B 36 2.61 20.81 -2.14
C PHE B 36 1.14 20.94 -1.94
N THR B 37 0.36 20.31 -2.81
CA THR B 37 -1.10 20.39 -2.80
C THR B 37 -1.83 19.32 -1.94
N GLU B 38 -3.14 19.44 -1.85
CA GLU B 38 -3.95 18.49 -1.07
C GLU B 38 -3.72 17.09 -1.67
N THR B 39 -3.64 16.97 -3.00
CA THR B 39 -3.44 15.60 -3.59
C THR B 39 -2.01 15.13 -3.37
N ASP B 40 -1.03 16.06 -3.35
CA ASP B 40 0.33 15.62 -3.02
C ASP B 40 0.35 15.05 -1.59
N TRP B 41 -0.39 15.68 -0.68
CA TRP B 41 -0.41 15.19 0.67
C TRP B 41 -1.10 13.83 0.71
N GLU B 42 -2.18 13.66 -0.05
CA GLU B 42 -2.93 12.39 -0.06
C GLU B 42 -2.04 11.27 -0.61
N HIS B 43 -1.13 11.64 -1.53
CA HIS B 43 -0.23 10.64 -2.09
C HIS B 43 0.83 10.16 -1.09
N THR B 44 1.02 10.84 0.05
CA THR B 44 2.00 10.39 1.03
C THR B 44 1.37 9.43 2.01
N LEU B 45 0.05 9.28 1.95
CA LEU B 45 -0.67 8.44 2.91
C LEU B 45 -0.89 6.99 2.54
N GLY B 46 -0.83 6.12 3.54
CA GLY B 46 -1.18 4.72 3.31
C GLY B 46 -0.08 3.69 3.50
N GLY B 47 1.17 4.19 3.60
CA GLY B 47 2.29 3.28 3.71
C GLY B 47 3.16 3.63 4.88
N MET B 48 4.46 3.43 4.71
CA MET B 48 5.40 3.69 5.79
C MET B 48 6.09 5.05 5.71
N HIS B 49 6.06 5.78 6.82
CA HIS B 49 6.76 7.08 6.87
C HIS B 49 8.09 6.95 7.63
N ALA B 50 9.18 7.41 6.98
CA ALA B 50 10.50 7.44 7.60
C ALA B 50 10.56 8.82 8.22
N LEU B 51 10.86 8.87 9.53
CA LEU B 51 10.80 10.16 10.22
C LEU B 51 12.02 10.39 11.08
N ILE B 52 12.53 11.61 11.05
CA ILE B 52 13.64 11.95 11.92
C ILE B 52 13.16 13.12 12.76
N TRP B 53 13.32 13.00 14.09
CA TRP B 53 12.93 14.06 15.04
C TRP B 53 14.12 14.74 15.76
N HIS B 54 13.88 15.98 16.18
CA HIS B 54 14.85 16.76 16.97
C HIS B 54 13.98 17.55 17.95
N HIS B 55 14.03 17.14 19.21
CA HIS B 55 13.26 17.80 20.27
C HIS B 55 11.77 17.91 20.05
N GLY B 56 11.15 16.80 19.67
CA GLY B 56 9.71 16.79 19.45
C GLY B 56 9.25 17.41 18.13
N ALA B 57 10.22 17.85 17.34
CA ALA B 57 9.91 18.45 16.05
C ALA B 57 10.37 17.52 14.93
N ILE B 58 9.52 17.31 13.94
CA ILE B 58 9.92 16.48 12.83
C ILE B 58 10.82 17.31 11.92
N ILE B 59 12.02 16.83 11.66
CA ILE B 59 12.94 17.55 10.81
C ILE B 59 13.22 16.87 9.47
N ALA B 60 12.69 15.67 9.24
CA ALA B 60 12.91 15.01 7.95
C ALA B 60 11.84 13.93 7.79
N HIS B 61 11.35 13.79 6.57
CA HIS B 61 10.29 12.82 6.26
C HIS B 61 10.41 12.25 4.84
N ALA B 62 10.06 10.95 4.67
CA ALA B 62 9.91 10.40 3.33
C ALA B 62 8.84 9.30 3.53
N ALA B 63 7.93 9.11 2.59
CA ALA B 63 6.95 8.04 2.75
C ALA B 63 7.14 7.07 1.60
N VAL B 64 6.90 5.80 1.88
CA VAL B 64 6.92 4.82 0.78
C VAL B 64 5.50 4.16 0.74
N ILE B 65 4.81 4.32 -0.39
CA ILE B 65 3.44 3.80 -0.50
C ILE B 65 3.41 2.72 -1.56
N GLN B 66 2.45 1.81 -1.44
CA GLN B 66 2.40 0.73 -2.40
C GLN B 66 1.51 1.07 -3.60
N ARG B 67 2.01 0.75 -4.81
CA ARG B 67 1.19 0.88 -6.02
C ARG B 67 1.71 -0.16 -7.03
N ARG B 68 1.14 -0.17 -8.22
CA ARG B 68 1.61 -1.09 -9.24
C ARG B 68 2.16 -0.30 -10.40
N LEU B 69 3.27 -0.75 -11.00
CA LEU B 69 3.77 -0.10 -12.24
C LEU B 69 3.82 -1.24 -13.25
N ILE B 70 3.24 -1.01 -14.40
CA ILE B 70 3.15 -2.05 -15.46
C ILE B 70 4.33 -1.90 -16.39
N TYR B 71 5.07 -2.99 -16.46
CA TYR B 71 6.33 -3.13 -17.18
C TYR B 71 6.24 -4.47 -17.93
N ARG B 72 6.37 -4.39 -19.26
CA ARG B 72 6.32 -5.57 -20.11
C ARG B 72 5.14 -6.45 -19.75
N GLY B 73 3.97 -5.82 -19.62
CA GLY B 73 2.72 -6.51 -19.30
C GLY B 73 2.56 -7.05 -17.88
N ASN B 74 3.52 -6.78 -17.00
CA ASN B 74 3.45 -7.29 -15.63
C ASN B 74 3.20 -6.13 -14.69
N ALA B 75 2.30 -6.32 -13.73
CA ALA B 75 1.99 -5.23 -12.78
C ALA B 75 2.89 -5.43 -11.59
N LEU B 76 4.06 -4.76 -11.62
CA LEU B 76 5.08 -4.91 -10.58
C LEU B 76 4.67 -4.26 -9.26
N ARG B 77 4.92 -4.97 -8.15
CA ARG B 77 4.57 -4.50 -6.80
C ARG B 77 5.62 -3.41 -6.45
N CYS B 78 5.19 -2.12 -6.42
CA CYS B 78 6.15 -1.02 -6.30
C CYS B 78 6.03 -0.23 -5.00
N GLY B 79 7.19 0.11 -4.42
CA GLY B 79 7.23 0.98 -3.26
C GLY B 79 7.48 2.35 -3.88
N TYR B 80 6.51 3.27 -3.79
CA TYR B 80 6.61 4.60 -4.43
C TYR B 80 6.96 5.64 -3.37
N VAL B 81 7.99 6.45 -3.63
CA VAL B 81 8.47 7.37 -2.58
C VAL B 81 7.89 8.74 -2.72
N GLU B 82 7.24 9.24 -1.69
CA GLU B 82 6.56 10.55 -1.78
C GLU B 82 6.95 11.47 -0.64
N GLY B 83 6.94 12.78 -0.90
CA GLY B 83 7.19 13.71 0.19
C GLY B 83 8.55 13.76 0.87
N VAL B 84 9.61 13.41 0.14
CA VAL B 84 10.95 13.42 0.71
C VAL B 84 11.27 14.88 1.00
N ALA B 85 11.59 15.17 2.24
CA ALA B 85 11.82 16.57 2.64
C ALA B 85 12.67 16.64 3.90
N VAL B 86 13.58 17.62 3.92
CA VAL B 86 14.38 17.90 5.12
C VAL B 86 14.14 19.38 5.42
N ARG B 87 13.83 19.67 6.68
CA ARG B 87 13.49 21.06 7.08
C ARG B 87 14.65 21.96 6.64
N ALA B 88 14.33 23.13 6.09
CA ALA B 88 15.35 23.98 5.51
C ALA B 88 16.58 24.30 6.37
N ASP B 89 16.38 24.52 7.67
CA ASP B 89 17.51 24.86 8.52
C ASP B 89 18.37 23.65 8.87
N TRP B 90 17.90 22.46 8.46
CA TRP B 90 18.64 21.23 8.72
C TRP B 90 19.26 20.60 7.46
N ARG B 91 19.23 21.31 6.33
CA ARG B 91 19.75 20.79 5.06
C ARG B 91 21.27 20.81 5.01
N GLY B 92 21.82 20.00 4.11
CA GLY B 92 23.27 19.93 4.01
C GLY B 92 23.97 19.11 5.10
N GLN B 93 23.23 18.30 5.85
CA GLN B 93 23.80 17.43 6.89
C GLN B 93 23.54 15.94 6.60
N ARG B 94 23.16 15.66 5.36
CA ARG B 94 22.89 14.30 4.92
C ARG B 94 21.76 13.62 5.63
N LEU B 95 20.83 14.39 6.19
CA LEU B 95 19.66 13.74 6.81
C LEU B 95 18.91 12.96 5.73
N VAL B 96 18.96 13.42 4.49
CA VAL B 96 18.19 12.67 3.46
C VAL B 96 18.75 11.27 3.30
N SER B 97 20.04 11.10 3.55
CA SER B 97 20.65 9.75 3.41
C SER B 97 20.03 8.80 4.43
N ALA B 98 19.80 9.30 5.65
CA ALA B 98 19.19 8.48 6.67
C ALA B 98 17.72 8.16 6.31
N LEU B 99 17.00 9.14 5.74
CA LEU B 99 15.59 8.84 5.30
C LEU B 99 15.61 7.72 4.26
N LEU B 100 16.52 7.82 3.31
CA LEU B 100 16.53 6.84 2.21
C LEU B 100 17.03 5.50 2.63
N ASP B 101 17.93 5.46 3.60
CA ASP B 101 18.38 4.16 4.13
C ASP B 101 17.09 3.42 4.62
N ALA B 102 16.21 4.14 5.32
CA ALA B 102 15.00 3.49 5.85
C ALA B 102 14.03 3.06 4.71
N VAL B 103 13.77 3.98 3.78
CA VAL B 103 12.89 3.72 2.63
C VAL B 103 13.40 2.53 1.81
N GLU B 104 14.72 2.50 1.60
CA GLU B 104 15.31 1.41 0.81
C GLU B 104 15.23 0.09 1.53
N GLN B 105 15.35 0.15 2.84
CA GLN B 105 15.22 -1.10 3.62
C GLN B 105 13.80 -1.64 3.44
N VAL B 106 12.81 -0.76 3.49
CA VAL B 106 11.42 -1.20 3.26
C VAL B 106 11.31 -1.80 1.84
N MET B 107 11.88 -1.13 0.84
CA MET B 107 11.76 -1.70 -0.52
C MET B 107 12.40 -3.08 -0.64
N ARG B 108 13.58 -3.30 -0.03
CA ARG B 108 14.17 -4.61 -0.18
C ARG B 108 13.37 -5.70 0.50
N GLY B 109 12.69 -5.34 1.58
CA GLY B 109 11.93 -6.34 2.29
C GLY B 109 10.52 -6.57 1.77
N ALA B 110 9.96 -5.67 0.97
CA ALA B 110 8.55 -5.82 0.63
C ALA B 110 8.14 -5.65 -0.83
N TYR B 111 9.02 -5.07 -1.67
CA TYR B 111 8.66 -4.75 -3.05
C TYR B 111 9.58 -5.31 -4.14
N GLN B 112 9.08 -5.25 -5.38
CA GLN B 112 9.88 -5.71 -6.53
C GLN B 112 10.76 -4.58 -7.02
N LEU B 113 10.32 -3.33 -6.81
CA LEU B 113 11.16 -2.18 -7.18
C LEU B 113 10.66 -0.93 -6.47
N GLY B 114 11.56 0.02 -6.23
CA GLY B 114 11.06 1.28 -5.71
C GLY B 114 10.98 2.20 -6.93
N ALA B 115 10.22 3.29 -6.80
CA ALA B 115 10.16 4.26 -7.90
C ALA B 115 9.72 5.58 -7.31
N LEU B 116 9.94 6.65 -8.06
CA LEU B 116 9.58 8.00 -7.60
C LEU B 116 9.75 8.93 -8.80
N SER B 117 9.25 10.16 -8.67
CA SER B 117 9.34 11.19 -9.73
C SER B 117 10.06 12.30 -9.00
N SER B 118 11.32 12.48 -9.37
CA SER B 118 12.21 13.37 -8.64
C SER B 118 12.29 14.84 -9.04
N SER B 119 12.35 15.71 -8.03
CA SER B 119 12.57 17.16 -8.28
C SER B 119 14.01 17.20 -8.86
N ALA B 120 14.31 18.15 -9.72
CA ALA B 120 15.66 18.14 -10.30
C ALA B 120 16.83 18.21 -9.31
N ARG B 121 16.68 18.93 -8.21
CA ARG B 121 17.75 19.09 -7.24
C ARG B 121 18.11 17.77 -6.51
N ALA B 122 17.24 16.77 -6.60
CA ALA B 122 17.45 15.51 -5.92
C ALA B 122 17.93 14.37 -6.84
N ARG B 123 17.96 14.62 -8.13
CA ARG B 123 18.34 13.57 -9.09
C ARG B 123 19.77 13.01 -8.87
N ARG B 124 20.74 13.89 -8.60
CA ARG B 124 22.12 13.41 -8.34
C ARG B 124 22.12 12.47 -7.11
N LEU B 125 21.40 12.87 -6.05
CA LEU B 125 21.27 12.07 -4.83
C LEU B 125 20.71 10.67 -5.16
N TYR B 126 19.59 10.60 -5.86
CA TYR B 126 19.06 9.26 -6.14
C TYR B 126 20.03 8.45 -7.01
N ALA B 127 20.58 9.07 -8.05
CA ALA B 127 21.54 8.30 -8.86
C ALA B 127 22.72 7.79 -8.00
N SER B 128 23.25 8.62 -7.11
CA SER B 128 24.40 8.20 -6.34
C SER B 128 24.12 6.94 -5.51
N ARG B 129 22.84 6.73 -5.18
CA ARG B 129 22.44 5.59 -4.35
C ARG B 129 22.02 4.35 -5.16
N GLY B 130 22.16 4.40 -6.47
CA GLY B 130 21.81 3.22 -7.24
C GLY B 130 20.44 3.31 -7.91
N TRP B 131 19.75 4.46 -7.80
CA TRP B 131 18.48 4.60 -8.52
C TRP B 131 18.81 4.89 -10.00
N LEU B 132 17.94 4.43 -10.89
CA LEU B 132 18.14 4.52 -12.35
C LEU B 132 17.10 5.46 -12.99
N PRO B 133 17.55 6.38 -13.83
CA PRO B 133 16.58 7.29 -14.46
C PRO B 133 15.83 6.55 -15.57
N TRP B 134 14.52 6.69 -15.64
CA TRP B 134 13.81 5.96 -16.69
C TRP B 134 13.97 6.71 -18.02
N HIS B 135 14.28 5.99 -19.10
CA HIS B 135 14.49 6.63 -20.44
C HIS B 135 13.36 6.36 -21.41
N GLY B 136 12.61 5.30 -21.16
CA GLY B 136 11.50 4.99 -22.06
C GLY B 136 10.32 5.92 -21.79
N PRO B 137 9.31 5.86 -22.65
CA PRO B 137 8.12 6.70 -22.45
C PRO B 137 7.30 6.31 -21.24
N THR B 138 6.88 7.30 -20.46
CA THR B 138 6.01 6.98 -19.31
C THR B 138 4.54 7.20 -19.68
N SER B 139 3.67 6.42 -19.05
CA SER B 139 2.24 6.50 -19.26
C SER B 139 1.53 6.26 -17.92
N VAL B 140 0.19 6.44 -17.94
CA VAL B 140 -0.61 6.12 -16.75
C VAL B 140 -1.82 5.30 -17.29
N LEU B 141 -2.27 4.29 -16.53
CA LEU B 141 -3.41 3.51 -16.95
C LEU B 141 -4.63 4.26 -16.36
N ALA B 142 -5.12 5.22 -17.14
CA ALA B 142 -6.25 6.07 -16.77
C ALA B 142 -7.56 5.29 -16.93
N PRO B 143 -8.67 5.81 -16.40
CA PRO B 143 -9.92 5.06 -16.52
C PRO B 143 -10.34 4.81 -17.96
N THR B 144 -9.82 5.60 -18.88
CA THR B 144 -10.15 5.47 -20.30
C THR B 144 -9.14 4.58 -21.03
N GLY B 145 -8.06 4.21 -20.34
CA GLY B 145 -7.05 3.36 -20.95
C GLY B 145 -5.70 4.06 -20.82
N PRO B 146 -4.62 3.47 -21.35
CA PRO B 146 -3.28 4.07 -21.28
C PRO B 146 -3.22 5.46 -21.91
N VAL B 147 -2.61 6.40 -21.21
CA VAL B 147 -2.45 7.77 -21.71
C VAL B 147 -0.96 8.12 -21.40
N ARG B 148 -0.21 8.65 -22.40
CA ARG B 148 1.17 9.04 -22.16
C ARG B 148 1.22 10.20 -21.17
N THR B 149 2.32 10.28 -20.41
CA THR B 149 2.50 11.36 -19.44
C THR B 149 3.84 12.07 -19.77
N PRO B 150 3.90 12.80 -20.90
CA PRO B 150 5.15 13.47 -21.27
C PRO B 150 5.64 14.49 -20.28
N ASP B 151 4.75 15.17 -19.57
CA ASP B 151 5.27 16.16 -18.62
C ASP B 151 6.17 15.52 -17.54
N ASP B 152 5.99 14.24 -17.26
CA ASP B 152 6.79 13.57 -16.25
C ASP B 152 8.03 12.82 -16.77
N ASP B 153 8.17 12.76 -18.10
CA ASP B 153 9.37 12.11 -18.69
C ASP B 153 10.62 12.80 -18.22
N GLY B 154 11.64 12.03 -17.86
CA GLY B 154 12.85 12.62 -17.37
C GLY B 154 12.88 12.81 -15.86
N THR B 155 11.77 12.55 -15.15
CA THR B 155 11.75 12.72 -13.72
C THR B 155 11.65 11.40 -13.00
N VAL B 156 11.30 10.34 -13.73
CA VAL B 156 11.06 9.09 -13.01
C VAL B 156 12.35 8.29 -12.78
N PHE B 157 12.50 7.78 -11.54
CA PHE B 157 13.67 6.95 -11.18
C PHE B 157 13.17 5.67 -10.57
N VAL B 158 13.91 4.56 -10.82
CA VAL B 158 13.50 3.27 -10.23
C VAL B 158 14.68 2.64 -9.53
N LEU B 159 14.38 1.79 -8.56
CA LEU B 159 15.40 1.05 -7.82
C LEU B 159 14.99 -0.44 -7.91
N PRO B 160 15.64 -1.21 -8.83
CA PRO B 160 15.27 -2.63 -8.96
C PRO B 160 15.65 -3.38 -7.71
N ILE B 161 14.79 -4.27 -7.22
CA ILE B 161 15.13 -5.07 -6.07
C ILE B 161 15.38 -6.50 -6.58
N ASP B 162 14.36 -7.18 -7.01
CA ASP B 162 14.52 -8.54 -7.45
C ASP B 162 14.20 -8.80 -8.94
N ILE B 163 14.34 -7.78 -9.79
CA ILE B 163 14.12 -7.87 -11.22
C ILE B 163 15.15 -7.00 -11.99
N SER B 164 15.66 -7.45 -13.14
CA SER B 164 16.61 -6.65 -13.96
C SER B 164 15.69 -5.82 -14.85
N LEU B 165 15.94 -4.53 -15.06
CA LEU B 165 15.01 -3.78 -15.91
C LEU B 165 15.59 -3.18 -17.18
N ASP B 166 14.79 -3.18 -18.28
CA ASP B 166 15.16 -2.54 -19.55
C ASP B 166 14.55 -1.15 -19.32
N THR B 167 15.38 -0.17 -18.97
CA THR B 167 14.87 1.16 -18.64
C THR B 167 14.50 2.06 -19.81
N SER B 168 14.51 1.50 -21.04
CA SER B 168 14.05 2.20 -22.24
C SER B 168 12.72 1.62 -22.76
N ALA B 169 12.14 0.68 -22.00
CA ALA B 169 10.82 0.10 -22.31
C ALA B 169 9.78 1.09 -21.80
N GLU B 170 8.52 0.85 -22.14
CA GLU B 170 7.46 1.73 -21.61
C GLU B 170 7.29 1.40 -20.08
N LEU B 171 6.76 2.35 -19.29
CA LEU B 171 6.51 2.11 -17.86
C LEU B 171 5.19 2.82 -17.61
N MET B 172 4.22 2.12 -17.04
CA MET B 172 2.88 2.76 -16.95
C MET B 172 2.39 2.64 -15.51
N CYS B 173 2.21 3.78 -14.86
CA CYS B 173 1.80 3.78 -13.47
C CYS B 173 0.27 3.63 -13.38
N ASP B 174 -0.23 3.36 -12.19
CA ASP B 174 -1.66 3.21 -12.02
C ASP B 174 -2.29 4.57 -11.71
N TRP B 175 -3.60 4.62 -11.81
CA TRP B 175 -4.33 5.88 -11.70
C TRP B 175 -4.50 6.45 -10.29
N ARG B 176 -4.48 7.78 -10.20
CA ARG B 176 -4.78 8.50 -8.94
C ARG B 176 -5.02 9.93 -9.32
N ALA B 177 -5.50 10.74 -8.37
CA ALA B 177 -5.78 12.14 -8.71
C ALA B 177 -4.52 12.98 -8.61
N GLY B 178 -4.59 14.18 -9.15
CA GLY B 178 -3.41 15.02 -9.10
C GLY B 178 -2.29 14.46 -9.98
N ASP B 179 -1.06 14.60 -9.53
CA ASP B 179 0.04 14.08 -10.32
C ASP B 179 0.09 12.60 -10.23
N VAL B 180 0.00 11.93 -11.37
CA VAL B 180 -0.01 10.47 -11.32
C VAL B 180 1.37 9.93 -10.99
N TRP B 181 2.42 10.67 -11.38
CA TRP B 181 3.82 10.29 -11.06
C TRP B 181 4.26 11.24 -9.94
N1A COA C . -14.05 -25.16 11.96
C2A COA C . -14.66 -24.51 10.92
N3A COA C . -15.71 -23.67 11.03
C4A COA C . -16.19 -23.46 12.32
C5A COA C . -15.63 -24.09 13.40
C6A COA C . -14.51 -24.97 13.19
N6A COA C . -13.97 -25.55 14.27
N7A COA C . -16.25 -23.74 14.57
C8A COA C . -17.21 -22.90 14.24
N9A COA C . -17.18 -22.72 12.91
C1B COA C . -18.06 -21.83 12.11
C2B COA C . -19.35 -21.34 12.79
O2B COA C . -20.32 -21.25 11.76
C3B COA C . -18.98 -19.89 13.22
O3B COA C . -20.12 -19.07 13.26
P3B COA C . -20.91 -18.75 14.65
O7A COA C . -22.10 -18.01 14.13
O8A COA C . -20.03 -17.93 15.57
O9A COA C . -21.25 -20.08 15.24
C4B COA C . -18.09 -19.48 12.05
O4B COA C . -17.33 -20.63 11.72
C5B COA C . -17.16 -18.31 12.31
O5B COA C . -16.47 -18.56 13.58
P1A COA C . -15.64 -17.40 14.32
O1A COA C . -16.45 -16.13 14.37
O2A COA C . -15.17 -17.90 15.61
O3A COA C . -14.48 -17.17 13.28
P2A COA C . -13.02 -17.83 13.24
O4A COA C . -12.19 -17.12 14.26
O5A COA C . -13.09 -19.32 13.37
O6A COA C . -12.45 -17.57 11.82
CBP COA C . -12.55 -17.68 9.36
CCP COA C . -13.33 -17.39 10.68
CDP COA C . -13.48 -17.41 8.14
CEP COA C . -11.31 -16.66 9.26
CAP COA C . -12.08 -19.16 9.34
OAP COA C . -13.25 -20.01 9.27
C9P COA C . -11.11 -19.51 8.23
O9P COA C . -9.90 -19.30 8.30
N8P COA C . -11.71 -20.10 7.08
C7P COA C . -10.91 -20.54 5.96
C6P COA C . -10.27 -19.35 5.09
C5P COA C . -11.30 -18.30 4.62
O5P COA C . -12.38 -18.60 4.15
N4P COA C . -11.10 -17.07 5.15
C3P COA C . -11.89 -15.88 4.74
C2P COA C . -11.36 -15.21 3.49
S1P COA C . -12.37 -13.73 3.14
O1 RIO D . -15.80 -18.36 -2.90
C1 RIO D . -15.20 -19.65 -3.05
C2 RIO D . -13.74 -19.53 -2.69
O2 RIO D . -13.16 -18.45 -3.43
C3 RIO D . -12.23 -17.73 -2.60
O3 RIO D . -12.88 -16.54 -2.17
C4 RIO D . -12.81 -15.39 -3.01
C5 RIO D . -13.54 -15.59 -4.34
O4 RIO D . -14.92 -15.93 -4.07
C6 RIO D . -13.52 -14.35 -5.28
N1 RIO D . -14.11 -14.78 -6.59
C7 RIO D . -12.08 -13.88 -5.54
C8 RIO D . -11.34 -13.63 -4.17
N2 RIO D . -9.90 -13.24 -4.44
C9 RIO D . -11.36 -14.86 -3.23
O5 RIO D . -10.75 -14.39 -2.06
C10 RIO D . -10.52 -15.19 -0.91
O6 RIO D . -9.75 -16.36 -1.31
C11 RIO D . -8.40 -16.20 -1.83
C12 RIO D . -7.77 -17.60 -1.85
N3 RIO D . -8.61 -18.47 -2.70
C13 RIO D . -7.57 -15.23 -0.95
O7 RIO D . -6.38 -14.93 -1.68
C14 RIO D . -8.38 -13.95 -0.66
O8 RIO D . -7.59 -13.07 0.21
C15 RIO D . -9.70 -14.33 0.05
N4 RIO D . -10.46 -13.07 0.35
C16 RIO D . -12.06 -18.60 -1.36
O9 RIO D . -11.04 -19.54 -1.58
C17 RIO D . -13.42 -19.27 -1.23
O10 RIO D . -13.21 -20.52 -0.53
N1A COA E . 19.98 24.68 2.27
C2A COA E . 19.59 24.17 1.04
N3A COA E . 20.31 23.33 0.25
C4A COA E . 21.59 22.96 0.76
C5A COA E . 22.06 23.43 2.01
C6A COA E . 21.21 24.32 2.79
N6A COA E . 21.69 24.77 4.00
N7A COA E . 23.33 22.93 2.30
C8A COA E . 23.66 22.17 1.29
N9A COA E . 22.65 22.17 0.36
C1B COA E . 22.63 21.42 -0.93
C2B COA E . 23.98 21.01 -1.56
O2B COA E . 23.88 21.18 -3.00
C3B COA E . 24.00 19.52 -1.25
O3B COA E . 24.88 18.80 -2.12
P3B COA E . 26.35 18.25 -1.55
O7A COA E . 27.19 18.15 -2.78
O8A COA E . 26.13 16.95 -0.83
O9A COA E . 26.83 19.36 -0.61
C4B COA E . 22.53 19.17 -1.45
O4B COA E . 21.81 20.25 -0.88
C5B COA E . 22.05 17.90 -0.77
O5B COA E . 22.42 17.94 0.60
P1A COA E . 22.20 16.67 1.54
O1A COA E . 22.79 15.44 0.97
O2A COA E . 22.67 17.05 2.86
O3A COA E . 20.60 16.52 1.55
P2A COA E . 19.57 17.05 2.60
O4A COA E . 19.51 16.26 3.84
O5A COA E . 19.78 18.56 2.87
O6A COA E . 18.13 16.94 1.85
CBP COA E . 16.57 17.45 0.06
CCP COA E . 18.03 17.10 0.46
CDP COA E . 16.44 17.41 -1.47
CEP COA E . 15.62 16.33 0.67
CAP COA E . 16.20 18.86 0.60
OAP COA E . 16.98 19.88 -0.09
C9P COA E . 14.74 19.23 0.52
O9P COA E . 13.93 18.89 1.36
N8P COA E . 14.48 20.02 -0.57
C7P COA E . 13.15 20.56 -0.96
C6P COA E . 12.12 19.43 -1.23
C5P COA E . 12.60 18.49 -2.32
O5P COA E . 12.85 18.84 -3.48
N4P COA E . 12.57 17.17 -1.93
C3P COA E . 12.87 16.10 -2.86
C2P COA E . 11.67 15.61 -3.62
S1P COA E . 12.10 14.22 -4.72
O1 RIO F . 10.52 19.80 -10.84
C1 RIO F . 9.77 20.96 -10.45
C2 RIO F . 9.05 20.63 -9.11
O2 RIO F . 8.17 19.55 -9.34
C3 RIO F . 8.12 18.71 -8.20
O3 RIO F . 8.84 17.49 -8.51
C4 RIO F . 8.14 16.45 -9.26
C5 RIO F . 7.71 16.89 -10.67
O4 RIO F . 8.83 17.36 -11.44
C6 RIO F . 6.97 15.80 -11.46
N1 RIO F . 6.52 16.39 -12.79
C7 RIO F . 5.70 15.38 -10.64
C8 RIO F . 6.18 14.80 -9.28
N2 RIO F . 4.99 14.23 -8.53
C9 RIO F . 6.93 15.88 -8.48
O5 RIO F . 7.23 15.29 -7.25
C10 RIO F . 7.93 15.93 -6.19
O6 RIO F . 7.19 17.08 -5.70
C11 RIO F . 5.85 16.89 -5.20
C12 RIO F . 5.49 18.21 -4.51
N3 RIO F . 5.55 19.31 -5.56
C13 RIO F . 5.84 15.78 -4.16
O7 RIO F . 4.50 15.50 -3.86
C14 RIO F . 6.57 14.53 -4.66
O8 RIO F . 6.57 13.50 -3.66
C15 RIO F . 8.04 14.92 -5.03
N4 RIO F . 8.75 13.66 -5.44
C16 RIO F . 8.88 19.42 -7.13
O9 RIO F . 8.02 20.28 -6.36
C17 RIO F . 9.94 20.15 -7.99
O10 RIO F . 10.45 21.25 -7.25
PB PAP G . 17.32 20.32 -15.18
O1B PAP G . 17.57 21.32 -14.11
O2B PAP G . 17.64 20.87 -16.54
O3B PAP G . 18.41 19.07 -15.02
PA PAP G . 14.40 20.07 -15.28
O1A PAP G . 14.25 20.69 -16.64
O2A PAP G . 13.55 18.82 -15.05
O3A PAP G . 15.90 19.63 -15.01
O5' PAP G . 13.97 21.05 -14.08
C5' PAP G . 14.41 22.37 -14.01
C4' PAP G . 14.73 22.68 -12.54
O4' PAP G . 14.99 24.07 -12.47
C3' PAP G . 13.64 22.44 -11.49
O3' PAP G . 14.17 22.48 -10.18
P PAP G . 13.52 21.47 -8.99
O1 PAP G . 12.93 20.34 -9.79
O2 PAP G . 12.55 22.28 -8.23
O3 PAP G . 14.69 21.09 -8.10
C2' PAP G . 12.76 23.65 -11.80
O2' PAP G . 11.95 24.06 -10.69
C1' PAP G . 13.79 24.74 -12.06
N9 PAP G . 13.36 25.74 -13.02
C8 PAP G . 12.75 25.51 -14.27
N7 PAP G . 12.58 26.68 -14.89
C5 PAP G . 13.22 27.60 -14.06
C6 PAP G . 13.27 29.05 -14.18
N6 PAP G . 12.76 29.64 -15.32
N1 PAP G . 13.50 29.73 -13.03
C2 PAP G . 13.91 29.04 -11.90
N3 PAP G . 14.11 27.74 -11.79
C4 PAP G . 13.62 27.01 -12.82
PB PAP H . 3.12 29.42 -12.53
O1B PAP H . 2.78 30.09 -13.85
O2B PAP H . 3.81 30.42 -11.60
O3B PAP H . 1.75 29.04 -11.71
PA PAP H . 4.14 27.06 -13.90
O1A PAP H . 5.03 25.90 -13.50
O2A PAP H . 2.78 26.65 -14.36
O3A PAP H . 4.04 28.10 -12.70
O5' PAP H . 4.75 27.98 -15.12
C5' PAP H . 5.33 27.43 -16.27
C4' PAP H . 6.66 28.14 -16.62
O4' PAP H . 7.15 28.91 -15.49
C3' PAP H . 7.78 27.19 -17.00
O3' PAP H . 7.72 26.70 -18.33
P PAP H . 6.92 25.27 -18.65
O1 PAP H . 7.18 24.44 -17.42
O2 PAP H . 7.46 24.68 -19.92
O3 PAP H . 5.47 25.63 -18.83
C2' PAP H . 9.04 28.00 -16.68
O2' PAP H . 9.42 28.80 -17.80
C1' PAP H . 8.60 28.90 -15.51
N9 PAP H . 9.22 28.48 -14.22
C8 PAP H . 9.13 27.20 -13.65
N7 PAP H . 9.70 27.18 -12.47
C5 PAP H . 10.12 28.50 -12.24
C6 PAP H . 10.56 29.08 -11.01
N6 PAP H . 10.89 28.21 -9.97
N1 PAP H . 10.88 30.44 -11.00
C2 PAP H . 10.58 31.19 -12.14
N3 PAP H . 10.07 30.73 -13.28
C4 PAP H . 9.80 29.36 -13.34
#